data_1N49
#
_entry.id   1N49
#
_cell.length_a   51.620
_cell.length_b   61.350
_cell.length_c   59.040
_cell.angle_alpha   90.00
_cell.angle_beta   81.20
_cell.angle_gamma   90.00
#
_symmetry.space_group_name_H-M   'P 1 21 1'
#
loop_
_entity.id
_entity.type
_entity.pdbx_description
1 polymer Protease
2 non-polymer RITONAVIR
3 water water
#
_entity_poly.entity_id   1
_entity_poly.type   'polypeptide(L)'
_entity_poly.pdbx_seq_one_letter_code
;PQITLWKRPLVTIRIGGQLKEALLNTGADDTVLEEMNLPGKWKPKMIGGIGGFIKVRQYDQIPVEICGHKAIGTVLVGPT
PANIIGRNLLTQIGCTLNF
;
_entity_poly.pdbx_strand_id   A,B,C,D
#
# COMPACT_ATOMS: atom_id res chain seq x y z
N PRO A 1 23.66 -9.39 16.37
CA PRO A 1 23.00 -8.16 15.87
C PRO A 1 22.14 -7.39 16.87
N GLN A 2 22.45 -6.11 17.00
CA GLN A 2 21.74 -5.18 17.87
C GLN A 2 21.02 -4.26 16.90
N ILE A 3 19.70 -4.25 16.93
CA ILE A 3 18.95 -3.41 16.02
C ILE A 3 18.41 -2.16 16.68
N THR A 4 18.78 -1.00 16.14
CA THR A 4 18.27 0.27 16.64
C THR A 4 16.88 0.39 16.04
N LEU A 5 16.08 1.26 16.62
CA LEU A 5 14.73 1.43 16.12
C LEU A 5 14.53 2.79 15.45
N TRP A 6 15.60 3.55 15.27
CA TRP A 6 15.50 4.86 14.62
C TRP A 6 15.00 4.73 13.18
N LYS A 7 15.14 3.56 12.59
CA LYS A 7 14.65 3.33 11.24
C LYS A 7 13.93 1.99 11.15
N ARG A 8 13.13 1.82 10.10
CA ARG A 8 12.41 0.57 9.91
C ARG A 8 13.37 -0.59 10.13
N PRO A 9 12.95 -1.60 10.92
CA PRO A 9 13.81 -2.76 11.17
C PRO A 9 13.63 -3.79 10.05
N LEU A 10 14.04 -3.42 8.84
CA LEU A 10 13.91 -4.29 7.67
C LEU A 10 15.10 -5.22 7.57
N VAL A 11 14.83 -6.45 7.15
CA VAL A 11 15.88 -7.44 6.98
C VAL A 11 15.53 -8.32 5.80
N THR A 12 16.57 -8.86 5.16
CA THR A 12 16.38 -9.73 4.02
C THR A 12 15.99 -11.12 4.52
N ILE A 13 14.96 -11.70 3.92
CA ILE A 13 14.50 -13.02 4.28
C ILE A 13 14.50 -13.90 3.01
N ARG A 14 14.93 -15.14 3.14
CA ARG A 14 14.92 -16.05 2.00
C ARG A 14 13.85 -17.09 2.33
N ILE A 15 12.84 -17.16 1.48
CA ILE A 15 11.75 -18.10 1.71
C ILE A 15 11.50 -18.84 0.41
N GLY A 16 11.28 -20.14 0.52
CA GLY A 16 11.06 -20.96 -0.65
C GLY A 16 12.35 -20.93 -1.47
N GLY A 17 12.47 -19.88 -2.27
CA GLY A 17 13.65 -19.68 -3.10
C GLY A 17 13.73 -18.20 -3.43
N GLN A 18 12.88 -17.43 -2.76
CA GLN A 18 12.83 -15.99 -2.97
C GLN A 18 13.41 -15.21 -1.80
N LEU A 19 14.19 -14.17 -2.10
CA LEU A 19 14.78 -13.34 -1.08
C LEU A 19 14.12 -11.96 -1.13
N LYS A 20 13.38 -11.61 -0.08
CA LYS A 20 12.71 -10.31 -0.01
C LYS A 20 12.91 -9.61 1.33
N GLU A 21 12.49 -8.35 1.41
CA GLU A 21 12.61 -7.56 2.61
C GLU A 21 11.34 -7.66 3.45
N ALA A 22 11.52 -7.80 4.76
CA ALA A 22 10.41 -7.90 5.68
C ALA A 22 10.79 -7.15 6.94
N LEU A 23 9.77 -6.73 7.67
CA LEU A 23 9.93 -5.95 8.91
C LEU A 23 9.92 -6.87 10.13
N LEU A 24 10.90 -6.70 11.01
CA LEU A 24 10.94 -7.49 12.24
C LEU A 24 9.93 -6.75 13.12
N ASN A 25 8.75 -7.37 13.24
CA ASN A 25 7.61 -6.77 13.92
C ASN A 25 7.11 -7.43 15.21
N THR A 26 7.48 -6.85 16.34
CA THR A 26 7.07 -7.39 17.63
C THR A 26 5.61 -7.05 17.95
N GLY A 27 4.97 -6.23 17.11
CA GLY A 27 3.58 -5.86 17.34
C GLY A 27 2.66 -6.74 16.54
N ALA A 28 3.20 -7.83 16.02
CA ALA A 28 2.44 -8.77 15.23
C ALA A 28 2.54 -10.17 15.82
N ASP A 29 1.38 -10.79 16.02
CA ASP A 29 1.29 -12.15 16.55
C ASP A 29 1.79 -13.11 15.47
N ASP A 30 1.49 -12.80 14.22
CA ASP A 30 1.86 -13.65 13.10
C ASP A 30 2.73 -13.00 12.03
N THR A 31 3.25 -13.85 11.14
CA THR A 31 4.09 -13.43 10.05
C THR A 31 3.21 -13.34 8.83
N VAL A 32 3.21 -12.18 8.17
CA VAL A 32 2.40 -11.98 6.96
C VAL A 32 3.27 -11.47 5.83
N LEU A 33 3.17 -12.10 4.66
CA LEU A 33 3.93 -11.71 3.49
C LEU A 33 3.00 -11.34 2.35
N GLU A 34 3.49 -10.51 1.42
CA GLU A 34 2.71 -10.06 0.27
C GLU A 34 2.46 -11.18 -0.75
N GLU A 35 1.30 -11.14 -1.39
CA GLU A 35 0.91 -12.13 -2.38
C GLU A 35 2.08 -12.81 -3.11
N MET A 36 2.09 -14.13 -3.03
CA MET A 36 3.11 -14.95 -3.66
C MET A 36 2.64 -16.40 -3.77
N ASN A 37 3.30 -17.18 -4.61
CA ASN A 37 2.94 -18.58 -4.75
C ASN A 37 3.87 -19.40 -3.89
N LEU A 38 3.28 -20.35 -3.16
CA LEU A 38 4.03 -21.22 -2.27
C LEU A 38 3.52 -22.64 -2.37
N PRO A 39 4.43 -23.62 -2.35
CA PRO A 39 3.97 -25.01 -2.45
C PRO A 39 3.35 -25.47 -1.13
N GLY A 40 2.53 -26.51 -1.20
CA GLY A 40 1.89 -27.03 -0.01
C GLY A 40 0.41 -26.73 0.07
N LYS A 41 -0.20 -27.24 1.13
CA LYS A 41 -1.63 -27.03 1.38
C LYS A 41 -1.77 -25.73 2.17
N TRP A 42 -3.01 -25.34 2.48
CA TRP A 42 -3.26 -24.11 3.24
C TRP A 42 -4.73 -23.91 3.57
N LYS A 43 -5.00 -23.51 4.81
CA LYS A 43 -6.37 -23.26 5.26
C LYS A 43 -6.61 -21.77 5.19
N PRO A 44 -7.78 -21.35 4.70
CA PRO A 44 -8.02 -19.90 4.63
C PRO A 44 -8.01 -19.29 6.04
N LYS A 45 -7.79 -17.98 6.12
CA LYS A 45 -7.77 -17.32 7.42
C LYS A 45 -7.97 -15.81 7.30
N MET A 46 -8.41 -15.18 8.38
CA MET A 46 -8.64 -13.74 8.41
C MET A 46 -7.81 -13.12 9.53
N ILE A 47 -6.84 -12.26 9.20
CA ILE A 47 -6.05 -11.61 10.23
C ILE A 47 -6.44 -10.13 10.25
N GLY A 48 -6.40 -9.50 11.42
CA GLY A 48 -6.78 -8.10 11.46
C GLY A 48 -5.92 -7.16 12.29
N GLY A 49 -6.26 -5.88 12.19
CA GLY A 49 -5.54 -4.85 12.93
C GLY A 49 -6.20 -3.51 12.65
N ILE A 50 -5.42 -2.44 12.65
CA ILE A 50 -5.99 -1.12 12.37
C ILE A 50 -6.52 -1.14 10.95
N GLY A 51 -7.78 -0.73 10.80
CA GLY A 51 -8.39 -0.70 9.48
C GLY A 51 -9.30 -1.89 9.20
N GLY A 52 -9.16 -2.95 10.00
CA GLY A 52 -9.97 -4.13 9.80
C GLY A 52 -9.11 -5.36 9.65
N PHE A 53 -9.65 -6.36 8.95
CA PHE A 53 -8.99 -7.65 8.68
C PHE A 53 -8.85 -7.85 7.18
N ILE A 54 -8.04 -8.84 6.81
CA ILE A 54 -7.82 -9.17 5.41
C ILE A 54 -7.82 -10.68 5.26
N LYS A 55 -8.00 -11.13 4.03
CA LYS A 55 -8.05 -12.54 3.67
C LYS A 55 -6.65 -13.08 3.34
N VAL A 56 -6.24 -14.15 4.02
CA VAL A 56 -4.93 -14.72 3.76
C VAL A 56 -4.90 -16.24 3.75
N ARG A 57 -3.90 -16.79 3.06
CA ARG A 57 -3.73 -18.24 2.98
C ARG A 57 -2.73 -18.64 4.06
N GLN A 58 -3.09 -19.61 4.87
CA GLN A 58 -2.18 -20.03 5.92
C GLN A 58 -1.40 -21.30 5.57
N TYR A 59 -0.09 -21.18 5.51
CA TYR A 59 0.79 -22.32 5.21
C TYR A 59 1.57 -22.59 6.49
N ASP A 60 1.80 -23.85 6.80
CA ASP A 60 2.54 -24.16 8.00
C ASP A 60 3.89 -24.81 7.74
N GLN A 61 4.72 -24.81 8.77
CA GLN A 61 6.03 -25.40 8.72
C GLN A 61 6.75 -25.06 7.43
N ILE A 62 6.74 -23.76 7.14
CA ILE A 62 7.38 -23.17 5.98
C ILE A 62 8.78 -22.67 6.38
N PRO A 63 9.82 -23.08 5.62
CA PRO A 63 11.21 -22.67 5.90
C PRO A 63 11.39 -21.18 5.65
N VAL A 64 12.08 -20.50 6.56
CA VAL A 64 12.32 -19.07 6.43
C VAL A 64 13.72 -18.66 6.88
N GLU A 65 14.42 -17.93 6.01
CA GLU A 65 15.77 -17.47 6.30
C GLU A 65 15.82 -16.00 6.68
N ILE A 66 15.99 -15.72 7.97
CA ILE A 66 16.07 -14.34 8.44
C ILE A 66 17.43 -14.00 9.02
N CYS A 67 18.30 -13.44 8.19
CA CYS A 67 19.65 -13.07 8.65
C CYS A 67 20.41 -14.28 9.18
N GLY A 68 20.80 -15.17 8.26
CA GLY A 68 21.54 -16.35 8.67
C GLY A 68 20.87 -17.15 9.78
N HIS A 69 19.60 -16.90 10.00
CA HIS A 69 18.86 -17.62 11.01
C HIS A 69 17.77 -18.43 10.31
N LYS A 70 17.76 -19.73 10.60
CA LYS A 70 16.79 -20.62 10.00
C LYS A 70 15.62 -20.82 10.93
N ALA A 71 14.42 -20.72 10.38
CA ALA A 71 13.20 -20.89 11.13
C ALA A 71 12.25 -21.69 10.26
N ILE A 72 11.37 -22.44 10.90
CA ILE A 72 10.40 -23.23 10.18
C ILE A 72 9.09 -22.98 10.92
N GLY A 73 8.13 -22.35 10.25
CA GLY A 73 6.87 -22.06 10.91
C GLY A 73 5.74 -21.67 10.00
N THR A 74 4.69 -21.11 10.61
CA THR A 74 3.48 -20.67 9.91
C THR A 74 3.69 -19.35 9.18
N VAL A 75 3.24 -19.30 7.94
CA VAL A 75 3.39 -18.12 7.11
C VAL A 75 2.07 -17.78 6.41
N LEU A 76 1.51 -16.64 6.76
CA LEU A 76 0.27 -16.19 6.18
C LEU A 76 0.62 -15.39 4.93
N VAL A 77 -0.02 -15.72 3.83
CA VAL A 77 0.22 -15.04 2.55
C VAL A 77 -1.04 -14.32 2.07
N GLY A 78 -0.88 -13.07 1.66
CA GLY A 78 -2.03 -12.31 1.19
C GLY A 78 -1.84 -10.82 0.91
N PRO A 79 -2.94 -10.06 0.83
CA PRO A 79 -2.92 -8.62 0.56
C PRO A 79 -2.44 -7.75 1.74
N THR A 80 -1.18 -7.93 2.13
CA THR A 80 -0.65 -7.13 3.23
C THR A 80 0.10 -5.96 2.63
N PRO A 81 -0.13 -4.75 3.16
CA PRO A 81 0.58 -3.59 2.63
C PRO A 81 2.06 -3.61 3.01
N ALA A 82 2.47 -4.68 3.67
CA ALA A 82 3.84 -4.79 4.10
C ALA A 82 4.25 -6.21 4.45
N ASN A 83 5.49 -6.56 4.13
CA ASN A 83 5.96 -7.90 4.47
C ASN A 83 6.25 -7.86 5.97
N ILE A 84 5.55 -8.69 6.73
CA ILE A 84 5.70 -8.72 8.18
C ILE A 84 6.21 -10.01 8.80
N ILE A 85 7.23 -9.89 9.65
CA ILE A 85 7.75 -11.04 10.38
C ILE A 85 7.21 -10.88 11.80
N GLY A 86 6.27 -11.75 12.18
CA GLY A 86 5.66 -11.67 13.50
C GLY A 86 6.35 -12.49 14.58
N ARG A 87 5.83 -12.38 15.80
CA ARG A 87 6.37 -13.08 16.95
C ARG A 87 6.56 -14.58 16.78
N ASN A 88 5.73 -15.22 15.97
CA ASN A 88 5.82 -16.67 15.80
C ASN A 88 7.20 -17.08 15.28
N LEU A 89 7.80 -16.23 14.45
CA LEU A 89 9.12 -16.50 13.89
C LEU A 89 10.23 -15.77 14.61
N LEU A 90 9.94 -14.59 15.16
CA LEU A 90 10.97 -13.83 15.86
C LEU A 90 11.52 -14.65 17.02
N THR A 91 10.62 -15.34 17.71
CA THR A 91 11.01 -16.17 18.84
C THR A 91 11.88 -17.33 18.36
N GLN A 92 11.49 -17.91 17.24
CA GLN A 92 12.23 -19.01 16.64
C GLN A 92 13.71 -18.65 16.49
N ILE A 93 13.98 -17.43 16.02
CA ILE A 93 15.36 -16.97 15.82
C ILE A 93 15.92 -16.31 17.09
N GLY A 94 15.25 -16.55 18.21
CA GLY A 94 15.69 -15.98 19.47
C GLY A 94 15.89 -14.48 19.40
N CYS A 95 14.78 -13.74 19.32
CA CYS A 95 14.84 -12.29 19.26
C CYS A 95 14.06 -11.67 20.41
N THR A 96 14.63 -10.64 21.02
CA THR A 96 13.99 -9.96 22.14
C THR A 96 14.13 -8.43 22.08
N LEU A 97 13.37 -7.76 22.94
CA LEU A 97 13.41 -6.31 23.06
C LEU A 97 14.15 -6.06 24.37
N ASN A 98 15.01 -5.04 24.38
CA ASN A 98 15.74 -4.74 25.60
C ASN A 98 15.94 -3.25 25.79
N PHE A 99 15.80 -2.82 27.04
CA PHE A 99 15.96 -1.42 27.41
C PHE A 99 15.97 -1.29 28.93
N PRO B 1 13.68 -2.86 31.50
CA PRO B 1 13.45 -4.31 31.35
C PRO B 1 13.86 -4.85 29.98
N GLN B 2 13.85 -6.18 29.87
CA GLN B 2 14.19 -6.87 28.63
C GLN B 2 13.05 -7.84 28.35
N ILE B 3 12.16 -7.44 27.44
CA ILE B 3 11.00 -8.23 27.10
C ILE B 3 11.25 -9.27 26.01
N THR B 4 10.64 -10.44 26.17
CA THR B 4 10.77 -11.49 25.17
C THR B 4 9.53 -11.47 24.30
N LEU B 5 9.62 -12.06 23.12
CA LEU B 5 8.50 -12.05 22.22
C LEU B 5 7.66 -13.32 22.20
N TRP B 6 7.86 -14.19 23.19
CA TRP B 6 7.07 -15.42 23.28
C TRP B 6 5.63 -14.95 23.42
N LYS B 7 5.44 -13.93 24.25
CA LYS B 7 4.12 -13.36 24.45
C LYS B 7 4.16 -11.91 23.98
N ARG B 8 2.98 -11.34 23.76
CA ARG B 8 2.89 -9.96 23.31
C ARG B 8 3.56 -9.08 24.33
N PRO B 9 4.49 -8.21 23.88
CA PRO B 9 5.19 -7.31 24.80
C PRO B 9 4.28 -6.19 25.30
N LEU B 10 3.45 -6.51 26.29
CA LEU B 10 2.54 -5.55 26.86
C LEU B 10 3.18 -4.88 28.06
N VAL B 11 2.95 -3.58 28.23
CA VAL B 11 3.53 -2.85 29.34
C VAL B 11 2.60 -1.77 29.83
N THR B 12 2.99 -1.10 30.91
CA THR B 12 2.18 -0.04 31.48
C THR B 12 2.70 1.33 31.06
N ILE B 13 1.81 2.14 30.50
CA ILE B 13 2.20 3.49 30.11
C ILE B 13 1.31 4.47 30.85
N ARG B 14 1.86 5.65 31.13
CA ARG B 14 1.11 6.69 31.82
C ARG B 14 1.10 7.89 30.89
N ILE B 15 -0.07 8.48 30.70
CA ILE B 15 -0.17 9.63 29.81
C ILE B 15 -1.35 10.44 30.27
N GLY B 16 -1.23 11.75 30.18
CA GLY B 16 -2.31 12.62 30.64
C GLY B 16 -2.64 12.29 32.09
N GLY B 17 -1.70 11.66 32.79
CA GLY B 17 -1.96 11.30 34.17
C GLY B 17 -2.83 10.04 34.31
N GLN B 18 -3.10 9.37 33.19
CA GLN B 18 -3.93 8.15 33.18
C GLN B 18 -3.05 6.94 32.82
N LEU B 19 -3.24 5.83 33.54
CA LEU B 19 -2.45 4.60 33.33
C LEU B 19 -3.11 3.64 32.33
N LYS B 20 -2.35 3.20 31.33
CA LYS B 20 -2.89 2.29 30.31
C LYS B 20 -1.92 1.19 29.92
N GLU B 21 -2.48 0.05 29.53
CA GLU B 21 -1.66 -1.07 29.09
C GLU B 21 -1.40 -0.91 27.59
N ALA B 22 -0.14 -0.99 27.18
CA ALA B 22 0.21 -0.83 25.77
C ALA B 22 1.09 -1.96 25.20
N LEU B 23 1.13 -2.04 23.88
CA LEU B 23 1.92 -3.06 23.20
C LEU B 23 3.10 -2.42 22.45
N LEU B 24 4.32 -2.84 22.76
CA LEU B 24 5.53 -2.33 22.11
C LEU B 24 5.54 -2.81 20.65
N ASN B 25 5.60 -1.86 19.71
CA ASN B 25 5.52 -2.20 18.29
C ASN B 25 6.60 -1.65 17.35
N THR B 26 7.65 -2.44 17.13
CA THR B 26 8.72 -2.03 16.24
C THR B 26 8.20 -1.93 14.80
N GLY B 27 7.05 -2.56 14.56
CA GLY B 27 6.48 -2.54 13.24
C GLY B 27 5.77 -1.27 12.81
N ALA B 28 5.92 -0.19 13.57
CA ALA B 28 5.26 1.06 13.23
C ALA B 28 6.02 2.28 13.65
N ASP B 29 6.01 3.25 12.76
CA ASP B 29 6.71 4.51 12.96
C ASP B 29 6.05 5.21 14.18
N ASP B 30 4.79 5.62 14.00
CA ASP B 30 4.04 6.32 15.04
C ASP B 30 3.41 5.45 16.13
N THR B 31 2.98 6.11 17.20
CA THR B 31 2.32 5.48 18.34
C THR B 31 0.83 5.80 18.23
N VAL B 32 -0.02 4.79 18.38
CA VAL B 32 -1.46 5.01 18.29
C VAL B 32 -2.12 4.60 19.60
N LEU B 33 -3.02 5.44 20.10
CA LEU B 33 -3.72 5.12 21.34
C LEU B 33 -5.21 5.11 21.14
N GLU B 34 -5.88 4.33 21.98
CA GLU B 34 -7.32 4.20 21.95
C GLU B 34 -7.91 5.57 22.27
N GLU B 35 -9.10 5.84 21.77
CA GLU B 35 -9.73 7.13 22.03
C GLU B 35 -9.57 7.52 23.50
N MET B 36 -9.26 8.78 23.72
CA MET B 36 -9.05 9.31 25.06
C MET B 36 -8.73 10.77 24.85
N ASN B 37 -9.53 11.64 25.43
CA ASN B 37 -9.31 13.06 25.27
C ASN B 37 -7.93 13.45 25.80
N LEU B 38 -7.29 14.38 25.10
CA LEU B 38 -5.99 14.90 25.48
C LEU B 38 -5.98 16.38 25.17
N PRO B 39 -5.23 17.18 25.94
CA PRO B 39 -5.18 18.63 25.71
C PRO B 39 -4.16 19.01 24.66
N GLY B 40 -4.37 20.17 24.03
CA GLY B 40 -3.45 20.63 23.02
C GLY B 40 -4.06 20.75 21.63
N LYS B 41 -3.32 21.39 20.74
CA LYS B 41 -3.77 21.57 19.37
C LYS B 41 -3.61 20.20 18.74
N TRP B 42 -4.28 19.97 17.62
CA TRP B 42 -4.16 18.69 16.96
C TRP B 42 -4.60 18.74 15.50
N LYS B 43 -3.83 18.06 14.66
CA LYS B 43 -4.10 17.99 13.23
C LYS B 43 -4.66 16.60 12.91
N PRO B 44 -5.58 16.52 11.93
CA PRO B 44 -6.18 15.26 11.54
C PRO B 44 -5.22 14.45 10.70
N LYS B 45 -5.25 13.14 10.85
CA LYS B 45 -4.37 12.27 10.07
C LYS B 45 -5.06 10.98 9.66
N MET B 46 -4.48 10.34 8.65
CA MET B 46 -5.01 9.11 8.13
C MET B 46 -3.86 8.13 8.20
N ILE B 47 -4.05 6.98 8.83
CA ILE B 47 -2.97 6.00 8.91
C ILE B 47 -3.51 4.64 8.49
N GLY B 48 -2.69 3.87 7.79
CA GLY B 48 -3.11 2.57 7.32
C GLY B 48 -2.57 1.40 8.12
N GLY B 49 -3.49 0.56 8.60
CA GLY B 49 -3.12 -0.61 9.37
C GLY B 49 -3.11 -1.83 8.46
N ILE B 50 -3.25 -3.02 9.04
CA ILE B 50 -3.23 -4.23 8.24
C ILE B 50 -4.47 -4.41 7.36
N GLY B 51 -5.62 -3.93 7.84
CA GLY B 51 -6.86 -4.10 7.08
C GLY B 51 -7.42 -2.86 6.42
N GLY B 52 -6.67 -1.76 6.45
CA GLY B 52 -7.14 -0.52 5.83
C GLY B 52 -6.64 0.70 6.57
N PHE B 53 -7.31 1.84 6.40
CA PHE B 53 -6.93 3.07 7.07
C PHE B 53 -7.95 3.56 8.09
N ILE B 54 -7.47 4.28 9.09
CA ILE B 54 -8.34 4.85 10.09
C ILE B 54 -7.91 6.29 10.24
N LYS B 55 -8.85 7.13 10.67
CA LYS B 55 -8.58 8.54 10.86
C LYS B 55 -8.15 8.76 12.31
N VAL B 56 -7.12 9.57 12.47
CA VAL B 56 -6.58 9.86 13.79
C VAL B 56 -6.30 11.34 14.01
N ARG B 57 -6.04 11.69 15.27
CA ARG B 57 -5.71 13.06 15.64
C ARG B 57 -4.27 12.99 16.11
N GLN B 58 -3.40 13.78 15.49
CA GLN B 58 -2.00 13.79 15.87
C GLN B 58 -1.69 14.91 16.85
N TYR B 59 -1.26 14.55 18.05
CA TYR B 59 -0.88 15.54 19.06
C TYR B 59 0.65 15.49 19.16
N ASP B 60 1.29 16.64 19.31
CA ASP B 60 2.75 16.69 19.39
C ASP B 60 3.29 17.12 20.75
N GLN B 61 4.48 16.66 21.10
CA GLN B 61 5.03 17.03 22.40
C GLN B 61 4.14 16.56 23.54
N ILE B 62 3.73 15.30 23.50
CA ILE B 62 2.93 14.73 24.56
C ILE B 62 3.86 13.86 25.41
N PRO B 63 3.97 14.13 26.71
CA PRO B 63 4.85 13.30 27.55
C PRO B 63 4.17 11.94 27.83
N VAL B 64 4.87 10.85 27.57
CA VAL B 64 4.32 9.52 27.79
C VAL B 64 5.33 8.68 28.55
N GLU B 65 4.96 8.20 29.74
CA GLU B 65 5.88 7.38 30.54
C GLU B 65 5.64 5.89 30.27
N ILE B 66 6.67 5.22 29.77
CA ILE B 66 6.61 3.80 29.45
C ILE B 66 7.49 3.00 30.39
N CYS B 67 6.89 2.09 31.15
CA CYS B 67 7.64 1.26 32.09
C CYS B 67 8.69 2.03 32.89
N GLY B 68 8.30 3.19 33.43
CA GLY B 68 9.22 3.97 34.22
C GLY B 68 10.08 4.91 33.41
N HIS B 69 10.11 4.71 32.10
CA HIS B 69 10.93 5.57 31.24
C HIS B 69 10.18 6.76 30.68
N LYS B 70 10.85 7.90 30.65
CA LYS B 70 10.26 9.13 30.17
C LYS B 70 10.40 9.29 28.67
N ALA B 71 9.37 9.86 28.06
CA ALA B 71 9.36 10.14 26.63
C ALA B 71 8.42 11.29 26.35
N ILE B 72 8.77 12.11 25.38
CA ILE B 72 7.93 13.24 24.97
C ILE B 72 7.92 13.18 23.46
N GLY B 73 6.73 13.03 22.88
CA GLY B 73 6.66 12.96 21.43
C GLY B 73 5.27 13.04 20.83
N THR B 74 5.23 12.78 19.53
CA THR B 74 3.99 12.81 18.77
C THR B 74 3.14 11.58 19.01
N VAL B 75 1.90 11.80 19.44
CA VAL B 75 0.98 10.71 19.71
C VAL B 75 -0.23 10.84 18.80
N LEU B 76 -0.71 9.71 18.29
CA LEU B 76 -1.87 9.70 17.42
C LEU B 76 -2.99 9.07 18.22
N VAL B 77 -4.16 9.71 18.23
CA VAL B 77 -5.30 9.18 18.96
C VAL B 77 -6.42 8.86 17.97
N GLY B 78 -7.03 7.68 18.12
CA GLY B 78 -8.10 7.29 17.23
C GLY B 78 -8.59 5.87 17.42
N PRO B 79 -9.44 5.39 16.50
CA PRO B 79 -10.02 4.05 16.54
C PRO B 79 -9.02 2.89 16.42
N THR B 80 -8.35 2.55 17.52
CA THR B 80 -7.41 1.43 17.52
C THR B 80 -7.86 0.58 18.68
N PRO B 81 -7.96 -0.74 18.50
CA PRO B 81 -8.40 -1.59 19.61
C PRO B 81 -7.25 -1.82 20.59
N ALA B 82 -6.09 -1.30 20.26
CA ALA B 82 -4.93 -1.49 21.12
C ALA B 82 -4.00 -0.29 21.09
N ASN B 83 -3.50 0.08 22.27
CA ASN B 83 -2.57 1.18 22.37
C ASN B 83 -1.25 0.61 21.92
N ILE B 84 -0.78 1.08 20.77
CA ILE B 84 0.48 0.60 20.21
C ILE B 84 1.61 1.63 20.32
N ILE B 85 2.66 1.25 21.02
CA ILE B 85 3.82 2.14 21.19
C ILE B 85 4.76 1.94 20.01
N GLY B 86 4.88 2.97 19.17
CA GLY B 86 5.71 2.89 17.97
C GLY B 86 7.18 3.15 18.19
N ARG B 87 7.94 3.11 17.08
CA ARG B 87 9.38 3.28 17.10
C ARG B 87 9.91 4.59 17.69
N ASN B 88 9.39 5.73 17.24
CA ASN B 88 9.89 7.02 17.76
C ASN B 88 10.03 6.98 19.29
N LEU B 89 8.92 6.72 19.97
CA LEU B 89 8.96 6.65 21.43
C LEU B 89 9.83 5.51 21.91
N LEU B 90 9.91 4.42 21.13
CA LEU B 90 10.72 3.27 21.52
C LEU B 90 12.17 3.68 21.63
N THR B 91 12.66 4.36 20.59
CA THR B 91 14.05 4.82 20.60
C THR B 91 14.22 5.82 21.73
N GLN B 92 13.19 6.63 21.98
CA GLN B 92 13.29 7.63 23.05
C GLN B 92 13.60 6.99 24.40
N ILE B 93 13.03 5.82 24.65
CA ILE B 93 13.27 5.13 25.91
C ILE B 93 14.46 4.16 25.80
N GLY B 94 15.20 4.26 24.70
CA GLY B 94 16.37 3.42 24.50
C GLY B 94 16.09 1.96 24.21
N CYS B 95 15.04 1.69 23.44
CA CYS B 95 14.71 0.31 23.12
C CYS B 95 15.36 -0.14 21.82
N THR B 96 15.74 -1.42 21.76
CA THR B 96 16.38 -1.98 20.58
C THR B 96 15.92 -3.41 20.33
N LEU B 97 16.23 -3.92 19.14
CA LEU B 97 15.91 -5.29 18.77
C LEU B 97 17.23 -6.05 18.84
N ASN B 98 17.26 -7.12 19.63
CA ASN B 98 18.50 -7.87 19.76
C ASN B 98 18.39 -9.34 19.41
N PHE B 99 19.34 -9.80 18.60
CA PHE B 99 19.42 -11.18 18.14
C PHE B 99 20.73 -11.35 17.37
N PRO C 1 -7.85 -13.10 -8.18
CA PRO C 1 -6.95 -12.56 -7.13
C PRO C 1 -7.55 -11.38 -6.35
N GLN C 2 -6.69 -10.68 -5.62
CA GLN C 2 -7.10 -9.53 -4.83
C GLN C 2 -5.97 -8.50 -4.80
N ILE C 3 -5.31 -8.35 -5.95
CA ILE C 3 -4.20 -7.40 -6.08
C ILE C 3 -4.49 -6.09 -5.35
N THR C 4 -3.54 -5.64 -4.56
CA THR C 4 -3.70 -4.41 -3.81
C THR C 4 -2.96 -3.27 -4.52
N LEU C 5 -3.34 -2.04 -4.17
CA LEU C 5 -2.73 -0.87 -4.79
C LEU C 5 -1.62 -0.21 -3.98
N TRP C 6 -1.15 -0.88 -2.93
CA TRP C 6 -0.06 -0.33 -2.13
C TRP C 6 1.10 -0.18 -3.09
N LYS C 7 1.30 -1.20 -3.92
CA LYS C 7 2.35 -1.20 -4.92
C LYS C 7 1.70 -1.27 -6.29
N ARG C 8 2.47 -0.88 -7.31
CA ARG C 8 1.99 -0.89 -8.67
C ARG C 8 1.54 -2.30 -8.99
N PRO C 9 0.31 -2.47 -9.49
CA PRO C 9 -0.21 -3.79 -9.83
C PRO C 9 0.44 -4.35 -11.10
N LEU C 10 1.64 -4.90 -10.94
CA LEU C 10 2.38 -5.47 -12.05
C LEU C 10 2.12 -6.96 -12.15
N VAL C 11 2.01 -7.47 -13.37
CA VAL C 11 1.73 -8.88 -13.56
C VAL C 11 2.42 -9.40 -14.81
N THR C 12 2.33 -10.71 -15.03
CA THR C 12 2.96 -11.31 -16.20
C THR C 12 1.93 -11.57 -17.28
N ILE C 13 2.21 -11.07 -18.47
CA ILE C 13 1.34 -11.23 -19.61
C ILE C 13 2.11 -11.98 -20.69
N ARG C 14 1.39 -12.81 -21.45
CA ARG C 14 2.02 -13.55 -22.52
C ARG C 14 1.36 -13.12 -23.81
N ILE C 15 2.19 -12.72 -24.77
CA ILE C 15 1.68 -12.28 -26.06
C ILE C 15 2.58 -12.87 -27.15
N GLY C 16 2.09 -13.92 -27.80
CA GLY C 16 2.83 -14.54 -28.88
C GLY C 16 4.13 -15.17 -28.43
N GLY C 17 4.13 -15.77 -27.25
CA GLY C 17 5.34 -16.41 -26.76
C GLY C 17 6.24 -15.41 -26.06
N GLN C 18 5.88 -14.13 -26.19
CA GLN C 18 6.64 -13.06 -25.55
C GLN C 18 6.10 -12.83 -24.15
N LEU C 19 6.78 -13.37 -23.15
CA LEU C 19 6.36 -13.19 -21.76
C LEU C 19 6.80 -11.78 -21.35
N LYS C 20 5.86 -10.95 -20.90
CA LYS C 20 6.20 -9.58 -20.51
C LYS C 20 5.52 -9.13 -19.22
N GLU C 21 6.16 -8.19 -18.51
CA GLU C 21 5.61 -7.67 -17.27
C GLU C 21 4.74 -6.45 -17.62
N ALA C 22 3.50 -6.45 -17.12
CA ALA C 22 2.60 -5.34 -17.41
C ALA C 22 1.97 -4.73 -16.17
N LEU C 23 1.37 -3.55 -16.34
CA LEU C 23 0.71 -2.81 -15.26
C LEU C 23 -0.80 -2.73 -15.51
N LEU C 24 -1.60 -3.22 -14.56
CA LEU C 24 -3.05 -3.18 -14.66
C LEU C 24 -3.50 -1.72 -14.56
N ASN C 25 -4.18 -1.21 -15.58
CA ASN C 25 -4.57 0.21 -15.59
C ASN C 25 -6.06 0.56 -15.84
N THR C 26 -6.82 0.70 -14.76
CA THR C 26 -8.24 1.03 -14.90
C THR C 26 -8.37 2.43 -15.49
N GLY C 27 -7.29 3.18 -15.46
CA GLY C 27 -7.32 4.53 -15.95
C GLY C 27 -7.28 4.70 -17.46
N ALA C 28 -7.37 3.60 -18.20
CA ALA C 28 -7.31 3.69 -19.63
C ALA C 28 -8.18 2.68 -20.33
N ASP C 29 -8.83 3.16 -21.38
CA ASP C 29 -9.72 2.35 -22.21
C ASP C 29 -8.89 1.24 -22.85
N ASP C 30 -7.99 1.64 -23.75
CA ASP C 30 -7.13 0.71 -24.47
C ASP C 30 -5.89 0.21 -23.73
N THR C 31 -5.28 -0.83 -24.28
CA THR C 31 -4.07 -1.45 -23.75
C THR C 31 -2.91 -1.06 -24.66
N VAL C 32 -1.81 -0.59 -24.08
CA VAL C 32 -0.64 -0.17 -24.85
C VAL C 32 0.60 -0.98 -24.47
N LEU C 33 1.34 -1.43 -25.48
CA LEU C 33 2.53 -2.23 -25.25
C LEU C 33 3.76 -1.60 -25.89
N GLU C 34 4.94 -1.94 -25.37
CA GLU C 34 6.19 -1.41 -25.90
C GLU C 34 6.33 -1.86 -27.32
N GLU C 35 7.05 -1.09 -28.13
CA GLU C 35 7.29 -1.44 -29.54
C GLU C 35 7.61 -2.91 -29.62
N MET C 36 6.92 -3.61 -30.52
CA MET C 36 7.13 -5.03 -30.72
C MET C 36 6.45 -5.42 -32.02
N ASN C 37 6.84 -6.56 -32.59
CA ASN C 37 6.25 -6.97 -33.86
C ASN C 37 5.06 -7.90 -33.74
N LEU C 38 3.92 -7.45 -34.23
CA LEU C 38 2.70 -8.24 -34.21
C LEU C 38 2.30 -8.56 -35.64
N PRO C 39 1.91 -9.81 -35.90
CA PRO C 39 1.52 -10.16 -37.27
C PRO C 39 0.07 -9.73 -37.41
N GLY C 40 -0.43 -9.69 -38.65
CA GLY C 40 -1.81 -9.31 -38.88
C GLY C 40 -1.94 -7.88 -39.36
N LYS C 41 -3.17 -7.46 -39.63
CA LYS C 41 -3.46 -6.12 -40.10
C LYS C 41 -3.48 -5.16 -38.92
N TRP C 42 -3.50 -3.87 -39.22
CA TRP C 42 -3.53 -2.84 -38.19
C TRP C 42 -3.88 -1.46 -38.75
N LYS C 43 -4.34 -0.59 -37.86
CA LYS C 43 -4.71 0.78 -38.19
C LYS C 43 -3.87 1.73 -37.34
N PRO C 44 -3.64 2.96 -37.84
CA PRO C 44 -2.86 3.93 -37.08
C PRO C 44 -3.76 4.66 -36.10
N LYS C 45 -3.25 4.85 -34.88
CA LYS C 45 -4.01 5.54 -33.85
C LYS C 45 -3.07 6.41 -33.02
N MET C 46 -3.57 7.60 -32.73
CA MET C 46 -2.86 8.60 -31.94
C MET C 46 -3.54 8.54 -30.59
N ILE C 47 -2.77 8.41 -29.53
CA ILE C 47 -3.36 8.37 -28.20
C ILE C 47 -2.68 9.38 -27.31
N GLY C 48 -3.44 9.98 -26.39
CA GLY C 48 -2.88 10.97 -25.50
C GLY C 48 -2.67 10.46 -24.10
N GLY C 49 -1.45 10.65 -23.60
CA GLY C 49 -1.12 10.22 -22.25
C GLY C 49 -1.09 11.44 -21.34
N ILE C 50 -0.38 11.36 -20.22
CA ILE C 50 -0.35 12.47 -19.30
C ILE C 50 0.43 13.68 -19.81
N GLY C 51 1.47 13.42 -20.58
CA GLY C 51 2.28 14.52 -21.09
C GLY C 51 2.14 14.85 -22.56
N GLY C 52 1.15 14.26 -23.23
CA GLY C 52 0.96 14.52 -24.65
C GLY C 52 0.49 13.29 -25.40
N PHE C 53 0.67 13.28 -26.71
CA PHE C 53 0.22 12.17 -27.53
C PHE C 53 1.36 11.39 -28.18
N ILE C 54 1.12 10.10 -28.42
CA ILE C 54 2.11 9.28 -29.11
C ILE C 54 1.33 8.54 -30.18
N LYS C 55 2.03 8.18 -31.25
CA LYS C 55 1.45 7.45 -32.37
C LYS C 55 1.61 5.97 -32.06
N VAL C 56 0.57 5.19 -32.36
CA VAL C 56 0.60 3.77 -32.10
C VAL C 56 -0.04 3.00 -33.24
N ARG C 57 0.12 1.68 -33.23
CA ARG C 57 -0.46 0.81 -34.23
C ARG C 57 -1.49 -0.02 -33.50
N GLN C 58 -2.72 0.00 -34.00
CA GLN C 58 -3.79 -0.76 -33.37
C GLN C 58 -4.01 -2.11 -34.05
N TYR C 59 -3.78 -3.18 -33.31
CA TYR C 59 -3.99 -4.53 -33.85
C TYR C 59 -5.26 -5.06 -33.17
N ASP C 60 -6.10 -5.74 -33.94
CA ASP C 60 -7.35 -6.26 -33.39
C ASP C 60 -7.44 -7.76 -33.18
N GLN C 61 -8.19 -8.15 -32.16
CA GLN C 61 -8.39 -9.55 -31.80
C GLN C 61 -7.05 -10.25 -31.62
N ILE C 62 -6.27 -9.79 -30.64
CA ILE C 62 -4.98 -10.38 -30.36
C ILE C 62 -5.06 -11.16 -29.06
N PRO C 63 -4.57 -12.41 -29.04
CA PRO C 63 -4.60 -13.27 -27.86
C PRO C 63 -3.58 -12.85 -26.80
N VAL C 64 -4.07 -12.35 -25.70
CA VAL C 64 -3.20 -11.89 -24.63
C VAL C 64 -3.56 -12.67 -23.37
N GLU C 65 -2.57 -13.32 -22.77
CA GLU C 65 -2.83 -14.06 -21.54
C GLU C 65 -2.30 -13.27 -20.34
N ILE C 66 -3.21 -12.89 -19.44
CA ILE C 66 -2.86 -12.10 -18.26
C ILE C 66 -3.03 -12.92 -16.99
N CYS C 67 -1.93 -13.13 -16.26
CA CYS C 67 -1.98 -13.91 -15.03
C CYS C 67 -2.79 -15.20 -15.17
N GLY C 68 -2.52 -15.97 -16.23
CA GLY C 68 -3.24 -17.20 -16.43
C GLY C 68 -4.60 -17.06 -17.08
N HIS C 69 -5.11 -15.83 -17.17
CA HIS C 69 -6.40 -15.60 -17.78
C HIS C 69 -6.31 -15.28 -19.26
N LYS C 70 -7.20 -15.87 -20.05
CA LYS C 70 -7.21 -15.69 -21.50
C LYS C 70 -8.08 -14.52 -21.95
N ALA C 71 -7.53 -13.71 -22.86
CA ALA C 71 -8.21 -12.55 -23.40
C ALA C 71 -7.86 -12.42 -24.88
N ILE C 72 -8.80 -11.91 -25.68
CA ILE C 72 -8.61 -11.69 -27.11
C ILE C 72 -9.17 -10.30 -27.38
N GLY C 73 -8.31 -9.38 -27.82
CA GLY C 73 -8.79 -8.04 -28.06
C GLY C 73 -7.85 -7.11 -28.79
N THR C 74 -8.24 -5.84 -28.82
CA THR C 74 -7.50 -4.79 -29.50
C THR C 74 -6.29 -4.37 -28.69
N VAL C 75 -5.13 -4.42 -29.32
CA VAL C 75 -3.89 -4.05 -28.65
C VAL C 75 -3.24 -2.93 -29.44
N LEU C 76 -2.71 -1.94 -28.72
CA LEU C 76 -2.03 -0.82 -29.36
C LEU C 76 -0.55 -0.98 -29.09
N VAL C 77 0.27 -0.83 -30.12
CA VAL C 77 1.72 -0.97 -29.98
C VAL C 77 2.38 0.34 -30.35
N GLY C 78 3.28 0.82 -29.51
CA GLY C 78 3.95 2.08 -29.80
C GLY C 78 5.01 2.50 -28.80
N PRO C 79 5.43 3.76 -28.85
CA PRO C 79 6.45 4.27 -27.93
C PRO C 79 5.99 4.59 -26.50
N THR C 80 5.44 3.61 -25.80
CA THR C 80 5.02 3.81 -24.42
C THR C 80 6.16 3.25 -23.57
N PRO C 81 6.47 3.90 -22.44
CA PRO C 81 7.56 3.34 -21.63
C PRO C 81 7.13 2.19 -20.74
N ALA C 82 5.88 1.76 -20.88
CA ALA C 82 5.39 0.67 -20.07
C ALA C 82 4.29 -0.11 -20.77
N ASN C 83 4.11 -1.36 -20.39
CA ASN C 83 3.04 -2.16 -20.99
C ASN C 83 1.88 -1.97 -20.06
N ILE C 84 0.88 -1.22 -20.51
CA ILE C 84 -0.31 -0.93 -19.73
C ILE C 84 -1.52 -1.75 -20.18
N ILE C 85 -2.08 -2.51 -19.25
CA ILE C 85 -3.25 -3.33 -19.53
C ILE C 85 -4.49 -2.49 -19.24
N GLY C 86 -5.21 -2.12 -20.29
CA GLY C 86 -6.37 -1.28 -20.13
C GLY C 86 -7.65 -1.98 -19.75
N ARG C 87 -8.70 -1.19 -19.55
CA ARG C 87 -10.01 -1.71 -19.15
C ARG C 87 -10.68 -2.79 -20.02
N ASN C 88 -10.71 -2.66 -21.35
CA ASN C 88 -11.36 -3.70 -22.17
C ASN C 88 -10.83 -5.08 -21.81
N LEU C 89 -9.51 -5.26 -21.87
CA LEU C 89 -8.92 -6.55 -21.53
C LEU C 89 -9.16 -6.91 -20.06
N LEU C 90 -9.19 -5.89 -19.21
CA LEU C 90 -9.43 -6.09 -17.78
C LEU C 90 -10.78 -6.77 -17.57
N THR C 91 -11.82 -6.20 -18.17
CA THR C 91 -13.14 -6.79 -18.05
C THR C 91 -13.13 -8.19 -18.65
N GLN C 92 -12.38 -8.37 -19.73
CA GLN C 92 -12.34 -9.68 -20.37
C GLN C 92 -11.85 -10.77 -19.42
N ILE C 93 -10.94 -10.42 -18.52
CA ILE C 93 -10.43 -11.38 -17.55
C ILE C 93 -11.23 -11.33 -16.24
N GLY C 94 -12.32 -10.58 -16.25
CA GLY C 94 -13.18 -10.48 -15.07
C GLY C 94 -12.64 -9.64 -13.93
N CYS C 95 -11.96 -8.56 -14.26
CA CYS C 95 -11.38 -7.69 -13.23
C CYS C 95 -12.34 -6.59 -12.84
N THR C 96 -12.33 -6.22 -11.55
CA THR C 96 -13.20 -5.17 -11.05
C THR C 96 -12.48 -4.34 -9.99
N LEU C 97 -13.08 -3.19 -9.67
CA LEU C 97 -12.54 -2.30 -8.64
C LEU C 97 -13.44 -2.49 -7.42
N ASN C 98 -12.84 -2.88 -6.29
CA ASN C 98 -13.64 -3.11 -5.10
C ASN C 98 -13.24 -2.27 -3.89
N PHE C 99 -14.25 -1.65 -3.27
CA PHE C 99 -14.08 -0.80 -2.09
C PHE C 99 -15.48 -0.46 -1.58
N PRO D 1 -19.52 -0.87 -2.98
CA PRO D 1 -19.44 -0.58 -4.42
C PRO D 1 -18.52 -1.48 -5.26
N GLN D 2 -19.11 -2.07 -6.29
CA GLN D 2 -18.41 -2.95 -7.23
C GLN D 2 -18.37 -2.15 -8.53
N ILE D 3 -17.17 -1.73 -8.94
CA ILE D 3 -17.01 -0.93 -10.17
C ILE D 3 -16.69 -1.79 -11.40
N THR D 4 -17.59 -1.81 -12.40
CA THR D 4 -17.33 -2.55 -13.64
C THR D 4 -16.36 -1.68 -14.43
N LEU D 5 -15.66 -2.28 -15.38
CA LEU D 5 -14.69 -1.48 -16.12
C LEU D 5 -15.11 -1.24 -17.58
N TRP D 6 -16.36 -1.58 -17.88
CA TRP D 6 -16.89 -1.40 -19.22
C TRP D 6 -16.94 0.09 -19.61
N LYS D 7 -16.94 0.96 -18.61
CA LYS D 7 -16.95 2.40 -18.84
C LYS D 7 -15.95 3.11 -17.92
N ARG D 8 -15.64 4.37 -18.23
CA ARG D 8 -14.69 5.15 -17.44
C ARG D 8 -15.10 5.11 -15.97
N PRO D 9 -14.20 4.64 -15.08
CA PRO D 9 -14.53 4.56 -13.65
C PRO D 9 -14.47 5.95 -13.01
N LEU D 10 -15.39 6.83 -13.42
CA LEU D 10 -15.46 8.19 -12.90
C LEU D 10 -16.29 8.23 -11.64
N VAL D 11 -15.88 9.07 -10.71
CA VAL D 11 -16.60 9.24 -9.45
C VAL D 11 -16.50 10.68 -9.02
N THR D 12 -17.48 11.13 -8.26
CA THR D 12 -17.52 12.48 -7.76
C THR D 12 -16.59 12.59 -6.55
N ILE D 13 -15.73 13.60 -6.54
CA ILE D 13 -14.83 13.82 -5.41
C ILE D 13 -15.09 15.23 -4.89
N ARG D 14 -15.03 15.40 -3.58
CA ARG D 14 -15.21 16.70 -2.96
C ARG D 14 -13.86 17.03 -2.36
N ILE D 15 -13.26 18.13 -2.81
CA ILE D 15 -11.97 18.52 -2.30
C ILE D 15 -12.03 19.99 -1.98
N GLY D 16 -11.54 20.34 -0.79
CA GLY D 16 -11.54 21.73 -0.34
C GLY D 16 -12.93 22.34 -0.24
N GLY D 17 -13.94 21.57 -0.65
CA GLY D 17 -15.30 22.07 -0.61
C GLY D 17 -15.78 22.17 -2.05
N GLN D 18 -14.91 21.75 -2.97
CA GLN D 18 -15.21 21.77 -4.39
C GLN D 18 -15.65 20.41 -4.94
N LEU D 19 -16.58 20.42 -5.89
CA LEU D 19 -17.06 19.20 -6.51
C LEU D 19 -16.36 18.98 -7.86
N LYS D 20 -15.95 17.74 -8.13
CA LYS D 20 -15.26 17.40 -9.37
C LYS D 20 -15.25 15.91 -9.68
N GLU D 21 -15.31 15.58 -10.97
CA GLU D 21 -15.27 14.19 -11.41
C GLU D 21 -13.83 13.79 -11.64
N ALA D 22 -13.48 12.59 -11.18
CA ALA D 22 -12.13 12.07 -11.32
C ALA D 22 -12.21 10.60 -11.62
N LEU D 23 -11.15 10.10 -12.25
CA LEU D 23 -11.04 8.71 -12.65
C LEU D 23 -10.33 7.86 -11.59
N LEU D 24 -10.97 6.78 -11.16
CA LEU D 24 -10.32 5.88 -10.19
C LEU D 24 -9.28 5.15 -11.05
N ASN D 25 -8.03 5.55 -10.90
CA ASN D 25 -6.94 5.05 -11.73
C ASN D 25 -5.84 4.24 -11.05
N THR D 26 -5.85 2.92 -11.22
CA THR D 26 -4.84 2.08 -10.61
C THR D 26 -3.53 2.08 -11.41
N GLY D 27 -3.53 2.79 -12.54
CA GLY D 27 -2.33 2.84 -13.36
C GLY D 27 -1.51 4.09 -13.06
N ALA D 28 -1.92 4.77 -12.00
CA ALA D 28 -1.26 5.99 -11.57
C ALA D 28 -0.75 5.85 -10.14
N ASP D 29 0.52 6.20 -9.94
CA ASP D 29 1.15 6.15 -8.63
C ASP D 29 0.57 7.28 -7.79
N ASP D 30 0.33 8.40 -8.45
CA ASP D 30 -0.19 9.58 -7.78
C ASP D 30 -1.55 10.08 -8.24
N THR D 31 -2.09 11.00 -7.46
CA THR D 31 -3.37 11.64 -7.74
C THR D 31 -3.05 12.97 -8.41
N VAL D 32 -3.63 13.20 -9.58
CA VAL D 32 -3.39 14.44 -10.30
C VAL D 32 -4.73 15.08 -10.65
N LEU D 33 -4.88 16.37 -10.35
CA LEU D 33 -6.12 17.08 -10.65
C LEU D 33 -5.82 18.27 -11.56
N GLU D 34 -6.82 18.66 -12.34
CA GLU D 34 -6.67 19.80 -13.24
C GLU D 34 -6.47 21.00 -12.34
N GLU D 35 -5.58 21.91 -12.73
CA GLU D 35 -5.31 23.09 -11.90
C GLU D 35 -6.56 23.64 -11.20
N MET D 36 -6.32 24.41 -10.14
CA MET D 36 -7.37 25.01 -9.34
C MET D 36 -6.69 25.87 -8.29
N ASN D 37 -7.18 25.83 -7.05
CA ASN D 37 -6.55 26.64 -6.01
C ASN D 37 -6.58 26.06 -4.61
N LEU D 38 -5.43 25.60 -4.13
CA LEU D 38 -5.34 25.03 -2.80
C LEU D 38 -4.46 25.91 -1.93
N PRO D 39 -4.79 25.99 -0.63
CA PRO D 39 -4.00 26.80 0.28
C PRO D 39 -2.77 26.08 0.83
N GLY D 40 -1.83 26.83 1.38
CA GLY D 40 -0.67 26.21 1.99
C GLY D 40 0.65 26.13 1.23
N LYS D 41 1.52 25.28 1.75
CA LYS D 41 2.82 25.10 1.14
C LYS D 41 2.74 23.97 0.13
N TRP D 42 3.72 23.93 -0.76
CA TRP D 42 3.78 22.91 -1.78
C TRP D 42 5.11 23.06 -2.48
N LYS D 43 5.64 21.93 -2.93
CA LYS D 43 6.91 21.91 -3.63
C LYS D 43 6.66 21.53 -5.06
N PRO D 44 7.44 22.09 -6.00
CA PRO D 44 7.28 21.79 -7.42
C PRO D 44 7.75 20.37 -7.75
N LYS D 45 6.97 19.65 -8.57
CA LYS D 45 7.32 18.29 -8.98
C LYS D 45 6.96 18.07 -10.45
N MET D 46 7.68 17.16 -11.09
CA MET D 46 7.44 16.81 -12.50
C MET D 46 6.95 15.36 -12.53
N ILE D 47 5.73 15.12 -13.01
CA ILE D 47 5.23 13.75 -13.09
C ILE D 47 5.18 13.40 -14.58
N GLY D 48 5.36 12.14 -14.93
CA GLY D 48 5.33 11.78 -16.33
C GLY D 48 4.62 10.49 -16.69
N GLY D 49 4.54 10.25 -17.99
CA GLY D 49 3.88 9.08 -18.52
C GLY D 49 3.97 9.10 -20.04
N ILE D 50 2.97 8.56 -20.71
CA ILE D 50 2.97 8.56 -22.17
C ILE D 50 2.96 10.00 -22.62
N GLY D 51 3.88 10.36 -23.51
CA GLY D 51 3.94 11.71 -24.02
C GLY D 51 4.96 12.58 -23.31
N GLY D 52 5.46 12.14 -22.17
CA GLY D 52 6.44 12.92 -21.43
C GLY D 52 5.99 13.22 -20.01
N PHE D 53 6.49 14.32 -19.46
CA PHE D 53 6.20 14.79 -18.11
C PHE D 53 5.51 16.16 -18.17
N ILE D 54 4.93 16.58 -17.04
CA ILE D 54 4.29 17.89 -16.93
C ILE D 54 4.67 18.45 -15.55
N LYS D 55 4.67 19.77 -15.42
CA LYS D 55 5.01 20.40 -14.14
C LYS D 55 3.73 20.54 -13.31
N VAL D 56 3.82 20.21 -12.02
CA VAL D 56 2.67 20.28 -11.11
C VAL D 56 3.05 20.75 -9.72
N ARG D 57 2.08 21.31 -9.00
CA ARG D 57 2.32 21.75 -7.62
C ARG D 57 1.94 20.59 -6.70
N GLN D 58 2.82 20.26 -5.76
CA GLN D 58 2.55 19.16 -4.85
C GLN D 58 2.07 19.67 -3.49
N TYR D 59 0.84 19.33 -3.14
CA TYR D 59 0.27 19.71 -1.85
C TYR D 59 0.09 18.43 -1.06
N ASP D 60 0.35 18.46 0.25
CA ASP D 60 0.23 17.26 1.04
C ASP D 60 -0.87 17.31 2.09
N GLN D 61 -1.23 16.13 2.58
CA GLN D 61 -2.26 15.98 3.59
C GLN D 61 -3.49 16.83 3.31
N ILE D 62 -3.97 16.71 2.07
CA ILE D 62 -5.16 17.43 1.63
C ILE D 62 -6.37 16.51 1.79
N PRO D 63 -7.41 17.00 2.49
CA PRO D 63 -8.61 16.19 2.67
C PRO D 63 -9.35 16.06 1.35
N VAL D 64 -9.75 14.85 1.01
CA VAL D 64 -10.48 14.61 -0.22
C VAL D 64 -11.63 13.67 0.08
N GLU D 65 -12.80 13.98 -0.46
CA GLU D 65 -13.98 13.15 -0.28
C GLU D 65 -14.21 12.42 -1.61
N ILE D 66 -14.25 11.09 -1.55
CA ILE D 66 -14.46 10.28 -2.74
C ILE D 66 -15.45 9.17 -2.44
N CYS D 67 -16.70 9.36 -2.88
CA CYS D 67 -17.77 8.40 -2.65
C CYS D 67 -17.94 8.10 -1.16
N GLY D 68 -18.36 9.10 -0.39
CA GLY D 68 -18.55 8.89 1.04
C GLY D 68 -17.32 8.34 1.74
N HIS D 69 -16.17 8.41 1.10
CA HIS D 69 -14.94 7.93 1.69
C HIS D 69 -14.03 9.12 1.90
N LYS D 70 -13.54 9.26 3.13
CA LYS D 70 -12.65 10.35 3.47
C LYS D 70 -11.20 9.89 3.38
N ALA D 71 -10.38 10.71 2.74
CA ALA D 71 -8.96 10.43 2.60
C ALA D 71 -8.21 11.73 2.80
N ILE D 72 -7.00 11.63 3.31
CA ILE D 72 -6.16 12.79 3.54
C ILE D 72 -4.81 12.41 2.97
N GLY D 73 -4.39 13.09 1.91
CA GLY D 73 -3.11 12.76 1.31
C GLY D 73 -2.56 13.79 0.34
N THR D 74 -1.56 13.36 -0.42
CA THR D 74 -0.88 14.18 -1.41
C THR D 74 -1.72 14.37 -2.66
N VAL D 75 -1.78 15.61 -3.14
CA VAL D 75 -2.55 15.93 -4.33
C VAL D 75 -1.73 16.82 -5.23
N LEU D 76 -1.42 16.32 -6.42
CA LEU D 76 -0.63 17.07 -7.38
C LEU D 76 -1.64 17.85 -8.22
N VAL D 77 -1.37 19.14 -8.38
CA VAL D 77 -2.25 20.04 -9.16
C VAL D 77 -1.49 20.56 -10.38
N GLY D 78 -2.08 20.41 -11.56
CA GLY D 78 -1.38 20.89 -12.74
C GLY D 78 -2.03 20.61 -14.07
N PRO D 79 -1.28 20.79 -15.17
CA PRO D 79 -1.67 20.60 -16.57
C PRO D 79 -2.18 19.23 -17.01
N THR D 80 -2.80 18.47 -16.12
CA THR D 80 -3.29 17.15 -16.52
C THR D 80 -4.61 17.28 -17.23
N PRO D 81 -4.74 16.68 -18.41
CA PRO D 81 -6.05 16.85 -19.01
C PRO D 81 -7.12 16.21 -18.12
N ALA D 82 -6.94 14.93 -17.80
CA ALA D 82 -7.91 14.22 -16.96
C ALA D 82 -7.64 14.26 -15.45
N ASN D 83 -8.70 14.44 -14.67
CA ASN D 83 -8.55 14.43 -13.21
C ASN D 83 -8.28 12.99 -12.84
N ILE D 84 -7.16 12.76 -12.18
CA ILE D 84 -6.77 11.40 -11.81
C ILE D 84 -6.65 11.10 -10.31
N ILE D 85 -7.26 10.01 -9.88
CA ILE D 85 -7.14 9.56 -8.49
C ILE D 85 -6.19 8.37 -8.56
N GLY D 86 -4.97 8.56 -8.05
CA GLY D 86 -3.97 7.51 -8.08
C GLY D 86 -3.95 6.59 -6.87
N ARG D 87 -3.06 5.60 -6.92
CA ARG D 87 -2.92 4.62 -5.85
C ARG D 87 -2.74 5.18 -4.45
N ASN D 88 -2.12 6.35 -4.32
CA ASN D 88 -1.87 6.93 -3.01
C ASN D 88 -3.17 7.13 -2.24
N LEU D 89 -4.23 7.48 -2.96
CA LEU D 89 -5.53 7.68 -2.32
C LEU D 89 -6.45 6.48 -2.44
N LEU D 90 -6.35 5.71 -3.52
CA LEU D 90 -7.23 4.55 -3.69
C LEU D 90 -7.02 3.59 -2.52
N THR D 91 -5.78 3.44 -2.09
CA THR D 91 -5.48 2.57 -0.98
C THR D 91 -6.12 3.07 0.32
N GLN D 92 -6.04 4.38 0.56
CA GLN D 92 -6.64 4.95 1.76
C GLN D 92 -8.12 4.64 1.85
N ILE D 93 -8.81 4.64 0.71
CA ILE D 93 -10.23 4.33 0.71
C ILE D 93 -10.45 2.82 0.59
N GLY D 94 -9.38 2.06 0.76
CA GLY D 94 -9.46 0.62 0.67
C GLY D 94 -10.08 0.16 -0.63
N CYS D 95 -9.35 0.31 -1.72
CA CYS D 95 -9.83 -0.08 -3.02
C CYS D 95 -8.88 -1.10 -3.63
N THR D 96 -9.45 -2.13 -4.26
CA THR D 96 -8.67 -3.19 -4.89
C THR D 96 -9.22 -3.66 -6.23
N LEU D 97 -8.41 -4.45 -6.93
CA LEU D 97 -8.79 -5.01 -8.22
C LEU D 97 -9.02 -6.49 -7.94
N ASN D 98 -10.07 -7.06 -8.51
CA ASN D 98 -10.36 -8.46 -8.27
C ASN D 98 -10.89 -9.17 -9.51
N PHE D 99 -10.41 -10.39 -9.70
CA PHE D 99 -10.82 -11.20 -10.84
C PHE D 99 -10.36 -12.64 -10.64
#